data_4GDO
#
_entry.id   4GDO
#
_cell.length_a   90.620
_cell.length_b   35.870
_cell.length_c   75.690
_cell.angle_alpha   90.00
_cell.angle_beta   94.11
_cell.angle_gamma   90.00
#
_symmetry.space_group_name_H-M   'C 1 2 1'
#
loop_
_entity.id
_entity.type
_entity.pdbx_description
1 polymer Plectin
2 water water
#
_entity_poly.entity_id   1
_entity_poly.type   'polypeptide(L)'
_entity_poly.pdbx_seq_one_letter_code
;GSHMRAEERERLAEVEAALEKQRQLAEAHAQAKAQAEREAKEL
;
_entity_poly.pdbx_strand_id   A,B,C,D,E,F
#
# COMPACT_ATOMS: atom_id res chain seq x y z
N SER A 2 2.98 12.08 -4.39
CA SER A 2 3.65 13.26 -4.93
C SER A 2 4.82 13.69 -4.05
N HIS A 3 4.69 13.46 -2.75
CA HIS A 3 5.76 13.79 -1.82
C HIS A 3 6.41 12.51 -1.26
N MET A 4 6.06 11.36 -1.85
CA MET A 4 6.67 10.09 -1.42
C MET A 4 8.03 9.93 -2.12
N ARG A 5 9.02 9.52 -1.34
CA ARG A 5 10.37 9.28 -1.84
C ARG A 5 10.42 7.98 -2.62
N ALA A 6 11.39 7.85 -3.51
CA ALA A 6 11.53 6.69 -4.35
C ALA A 6 11.67 5.42 -3.51
N GLU A 7 12.39 5.52 -2.40
CA GLU A 7 12.61 4.35 -1.53
C GLU A 7 11.31 3.73 -1.02
N GLU A 8 10.34 4.57 -0.68
CA GLU A 8 9.06 4.09 -0.18
C GLU A 8 8.27 3.47 -1.32
N ARG A 9 8.32 4.09 -2.49
CA ARG A 9 7.70 3.49 -3.68
C ARG A 9 8.30 2.12 -3.97
N GLU A 10 9.61 2.00 -3.83
CA GLU A 10 10.26 0.69 -3.94
C GLU A 10 9.77 -0.30 -2.89
N ARG A 11 9.60 0.13 -1.65
CA ARG A 11 9.18 -0.78 -0.58
C ARG A 11 7.77 -1.24 -0.84
N LEU A 12 6.89 -0.33 -1.25
CA LEU A 12 5.52 -0.71 -1.62
C LEU A 12 5.48 -1.76 -2.72
N ALA A 13 6.29 -1.55 -3.75
CA ALA A 13 6.36 -2.48 -4.89
C ALA A 13 6.85 -3.85 -4.42
N GLU A 14 7.85 -3.84 -3.56
CA GLU A 14 8.39 -5.07 -2.97
C GLU A 14 7.32 -5.82 -2.18
N VAL A 15 6.54 -5.14 -1.35
CA VAL A 15 5.51 -5.79 -0.54
C VAL A 15 4.44 -6.38 -1.46
N GLU A 16 4.05 -5.59 -2.45
CA GLU A 16 3.06 -6.04 -3.41
C GLU A 16 3.51 -7.30 -4.13
N ALA A 17 4.77 -7.33 -4.53
CA ALA A 17 5.32 -8.50 -5.20
C ALA A 17 5.36 -9.70 -4.22
N ALA A 18 5.76 -9.45 -2.97
CA ALA A 18 5.80 -10.52 -1.97
C ALA A 18 4.44 -11.11 -1.67
N LEU A 19 3.41 -10.27 -1.64
CA LEU A 19 2.07 -10.75 -1.42
C LEU A 19 1.61 -11.62 -2.59
N GLU A 20 2.01 -11.27 -3.80
CA GLU A 20 1.67 -12.05 -4.97
C GLU A 20 2.39 -13.40 -4.96
N LYS A 21 3.66 -13.39 -4.59
CA LYS A 21 4.37 -14.65 -4.48
C LYS A 21 3.69 -15.57 -3.46
N GLN A 22 3.30 -15.00 -2.33
CA GLN A 22 2.57 -15.77 -1.33
C GLN A 22 1.24 -16.32 -1.88
N ARG A 23 0.50 -15.50 -2.61
CA ARG A 23 -0.78 -15.93 -3.17
C ARG A 23 -0.56 -17.07 -4.14
N GLN A 24 0.47 -16.98 -4.97
CA GLN A 24 0.70 -18.03 -5.95
C GLN A 24 1.12 -19.31 -5.25
N LEU A 25 1.98 -19.21 -4.24
CA LEU A 25 2.38 -20.40 -3.49
C LEU A 25 1.22 -21.02 -2.71
N ALA A 26 0.29 -20.20 -2.23
CA ALA A 26 -0.88 -20.77 -1.55
C ALA A 26 -1.67 -21.64 -2.50
N GLU A 27 -1.87 -21.16 -3.71
CA GLU A 27 -2.59 -21.92 -4.74
C GLU A 27 -1.84 -23.22 -5.10
N ALA A 28 -0.53 -23.08 -5.26
CA ALA A 28 0.31 -24.21 -5.60
C ALA A 28 0.27 -25.28 -4.49
N HIS A 29 0.40 -24.84 -3.24
CA HIS A 29 0.29 -25.72 -2.11
C HIS A 29 -1.07 -26.45 -2.07
N ALA A 30 -2.16 -25.70 -2.28
CA ALA A 30 -3.50 -26.29 -2.25
C ALA A 30 -3.65 -27.36 -3.33
N GLN A 31 -3.05 -27.12 -4.48
CA GLN A 31 -3.08 -28.07 -5.56
C GLN A 31 -2.25 -29.32 -5.20
N ALA A 32 -1.07 -29.14 -4.63
CA ALA A 32 -0.25 -30.25 -4.13
C ALA A 32 -0.98 -31.06 -3.07
N LYS A 33 -1.69 -30.38 -2.18
CA LYS A 33 -2.46 -31.06 -1.16
C LYS A 33 -3.59 -31.90 -1.74
N ALA A 34 -4.34 -31.34 -2.68
CA ALA A 34 -5.40 -32.13 -3.31
C ALA A 34 -4.80 -33.30 -4.10
N GLN A 35 -3.62 -33.08 -4.68
CA GLN A 35 -2.95 -34.13 -5.42
C GLN A 35 -2.50 -35.30 -4.53
N ALA A 36 -1.92 -34.95 -3.38
CA ALA A 36 -1.48 -35.94 -2.40
C ALA A 36 -2.69 -36.70 -1.85
N GLU A 37 -3.76 -35.97 -1.55
CA GLU A 37 -4.99 -36.65 -1.07
C GLU A 37 -5.50 -37.69 -2.06
N ARG A 38 -5.47 -37.34 -3.34
CA ARG A 38 -5.98 -38.22 -4.37
C ARG A 38 -5.05 -39.39 -4.53
N GLU A 39 -3.75 -39.14 -4.51
CA GLU A 39 -2.77 -40.23 -4.59
C GLU A 39 -2.82 -41.21 -3.41
N ALA A 40 -3.01 -40.68 -2.21
CA ALA A 40 -3.08 -41.52 -1.02
C ALA A 40 -4.33 -42.42 -0.98
N LYS A 41 -5.32 -42.15 -1.83
CA LYS A 41 -6.47 -43.06 -1.95
C LYS A 41 -6.02 -44.44 -2.38
N GLU A 42 -4.92 -44.50 -3.11
CA GLU A 42 -4.49 -45.78 -3.67
C GLU A 42 -3.79 -46.67 -2.64
N LEU A 43 -3.51 -46.14 -1.46
CA LEU A 43 -2.88 -46.91 -0.39
C LEU A 43 -3.82 -47.99 0.13
N HIS B 3 12.73 -56.83 -4.08
CA HIS B 3 12.05 -58.00 -4.61
C HIS B 3 10.53 -57.90 -4.42
N MET B 4 10.09 -56.82 -3.79
CA MET B 4 8.66 -56.58 -3.63
C MET B 4 8.02 -56.36 -5.01
N ARG B 5 6.70 -56.52 -5.07
CA ARG B 5 5.97 -56.37 -6.32
C ARG B 5 6.10 -54.95 -6.85
N ALA B 6 6.42 -54.82 -8.13
CA ALA B 6 6.59 -53.51 -8.75
C ALA B 6 5.39 -52.60 -8.53
N GLU B 7 4.20 -53.19 -8.48
CA GLU B 7 2.98 -52.41 -8.23
C GLU B 7 3.05 -51.70 -6.88
N GLU B 8 3.41 -52.44 -5.84
CA GLU B 8 3.49 -51.84 -4.52
C GLU B 8 4.63 -50.84 -4.47
N ARG B 9 5.76 -51.18 -5.08
CA ARG B 9 6.90 -50.30 -5.02
C ARG B 9 6.56 -48.97 -5.68
N GLU B 10 5.97 -49.03 -6.87
CA GLU B 10 5.60 -47.80 -7.57
C GLU B 10 4.56 -46.98 -6.81
N ARG B 11 3.60 -47.65 -6.20
CA ARG B 11 2.56 -46.96 -5.44
C ARG B 11 3.14 -46.24 -4.23
N LEU B 12 3.98 -46.92 -3.47
CA LEU B 12 4.56 -46.28 -2.31
C LEU B 12 5.44 -45.07 -2.72
N ALA B 13 6.19 -45.19 -3.81
CA ALA B 13 7.03 -44.09 -4.27
C ALA B 13 6.22 -42.88 -4.71
N GLU B 14 5.14 -43.11 -5.45
CA GLU B 14 4.33 -42.02 -5.97
C GLU B 14 3.64 -41.26 -4.84
N VAL B 15 3.12 -41.99 -3.85
CA VAL B 15 2.50 -41.32 -2.70
C VAL B 15 3.52 -40.56 -1.87
N GLU B 16 4.66 -41.18 -1.59
CA GLU B 16 5.74 -40.50 -0.90
C GLU B 16 6.15 -39.20 -1.61
N ALA B 17 6.20 -39.24 -2.93
CA ALA B 17 6.65 -38.08 -3.68
C ALA B 17 5.62 -36.96 -3.62
N ALA B 18 4.34 -37.32 -3.60
CA ALA B 18 3.28 -36.34 -3.56
C ALA B 18 3.27 -35.68 -2.19
N LEU B 19 3.49 -36.47 -1.15
CA LEU B 19 3.55 -35.90 0.19
C LEU B 19 4.72 -34.94 0.32
N GLU B 20 5.84 -35.30 -0.27
CA GLU B 20 7.02 -34.46 -0.18
C GLU B 20 6.79 -33.14 -0.88
N LYS B 21 6.15 -33.19 -2.05
CA LYS B 21 5.82 -31.99 -2.79
C LYS B 21 4.96 -31.05 -1.97
N GLN B 22 3.93 -31.60 -1.34
CA GLN B 22 3.04 -30.83 -0.48
C GLN B 22 3.81 -30.18 0.67
N ARG B 23 4.67 -30.94 1.33
CA ARG B 23 5.47 -30.38 2.41
C ARG B 23 6.37 -29.21 1.93
N GLN B 24 7.05 -29.44 0.81
CA GLN B 24 7.92 -28.43 0.24
C GLN B 24 7.20 -27.15 -0.04
N LEU B 25 5.99 -27.25 -0.58
CA LEU B 25 5.22 -26.08 -0.97
C LEU B 25 4.59 -25.38 0.22
N ALA B 26 4.21 -26.18 1.23
CA ALA B 26 3.81 -25.66 2.52
C ALA B 26 4.92 -24.75 3.10
N GLU B 27 6.14 -25.26 3.14
CA GLU B 27 7.27 -24.47 3.62
C GLU B 27 7.57 -23.26 2.71
N ALA B 28 7.51 -23.42 1.40
CA ALA B 28 7.71 -22.30 0.50
C ALA B 28 6.68 -21.23 0.79
N HIS B 29 5.43 -21.63 0.94
CA HIS B 29 4.39 -20.66 1.23
C HIS B 29 4.60 -19.95 2.58
N ALA B 30 5.02 -20.71 3.58
CA ALA B 30 5.24 -20.13 4.88
C ALA B 30 6.37 -19.12 4.81
N GLN B 31 7.40 -19.42 4.03
CA GLN B 31 8.55 -18.54 3.89
C GLN B 31 8.13 -17.24 3.19
N ALA B 32 7.31 -17.38 2.15
CA ALA B 32 6.81 -16.23 1.41
C ALA B 32 5.89 -15.33 2.24
N LYS B 33 5.03 -15.94 3.02
CA LYS B 33 4.22 -15.19 3.97
C LYS B 33 5.06 -14.44 5.00
N ALA B 34 6.07 -15.11 5.56
CA ALA B 34 6.93 -14.46 6.54
C ALA B 34 7.64 -13.25 5.93
N GLN B 35 8.17 -13.42 4.72
CA GLN B 35 8.77 -12.31 3.99
C GLN B 35 7.80 -11.16 3.74
N ALA B 36 6.59 -11.46 3.29
CA ALA B 36 5.63 -10.40 3.01
C ALA B 36 5.25 -9.63 4.28
N GLU B 37 5.10 -10.36 5.37
CA GLU B 37 4.71 -9.77 6.66
C GLU B 37 5.81 -8.89 7.18
N ARG B 38 7.05 -9.36 7.06
CA ARG B 38 8.21 -8.60 7.53
C ARG B 38 8.31 -7.27 6.80
N GLU B 39 8.29 -7.34 5.48
CA GLU B 39 8.35 -6.15 4.63
C GLU B 39 7.17 -5.21 4.80
N ALA B 40 5.99 -5.74 5.11
CA ALA B 40 4.84 -4.88 5.34
C ALA B 40 5.04 -4.04 6.61
N LYS B 41 5.68 -4.62 7.62
CA LYS B 41 5.83 -3.87 8.85
C LYS B 41 7.02 -2.91 8.79
N GLU B 42 7.69 -2.88 7.64
CA GLU B 42 8.75 -1.90 7.37
C GLU B 42 8.29 -0.75 6.45
N LEU B 43 7.00 -0.75 6.11
CA LEU B 43 6.45 0.32 5.29
C LEU B 43 6.30 1.63 6.04
N ALA C 6 9.60 27.05 6.56
CA ALA C 6 10.56 25.96 6.40
C ALA C 6 10.17 24.78 7.29
N GLU C 7 9.74 25.09 8.51
CA GLU C 7 9.29 24.07 9.45
C GLU C 7 7.90 23.58 9.05
N GLU C 8 6.99 24.52 8.81
CA GLU C 8 5.65 24.20 8.35
C GLU C 8 5.74 23.48 7.00
N ARG C 9 6.59 23.99 6.13
CA ARG C 9 6.78 23.40 4.81
C ARG C 9 7.18 21.94 4.92
N GLU C 10 8.11 21.64 5.81
CA GLU C 10 8.62 20.29 5.99
C GLU C 10 7.54 19.34 6.49
N ARG C 11 6.78 19.77 7.49
CA ARG C 11 5.78 18.90 8.11
C ARG C 11 4.53 18.78 7.26
N LEU C 12 4.28 19.79 6.43
CA LEU C 12 3.19 19.70 5.47
C LEU C 12 3.51 18.59 4.47
N ALA C 13 4.75 18.59 3.98
CA ALA C 13 5.18 17.59 3.02
C ALA C 13 5.03 16.21 3.64
N GLU C 14 5.41 16.08 4.91
CA GLU C 14 5.34 14.80 5.60
C GLU C 14 3.94 14.21 5.54
N VAL C 15 2.93 15.06 5.74
CA VAL C 15 1.55 14.59 5.80
C VAL C 15 1.05 14.17 4.42
N GLU C 16 1.41 14.95 3.41
CA GLU C 16 1.03 14.61 2.06
C GLU C 16 1.66 13.26 1.64
N ALA C 17 2.91 13.04 2.05
CA ALA C 17 3.57 11.78 1.71
C ALA C 17 2.93 10.61 2.44
N ALA C 18 2.51 10.85 3.69
CA ALA C 18 1.80 9.84 4.46
C ALA C 18 0.46 9.52 3.81
N LEU C 19 -0.18 10.54 3.26
CA LEU C 19 -1.48 10.38 2.63
C LEU C 19 -1.30 9.62 1.32
N GLU C 20 -0.22 9.89 0.61
CA GLU C 20 0.02 9.16 -0.63
C GLU C 20 0.23 7.67 -0.30
N LYS C 21 0.86 7.39 0.84
CA LYS C 21 1.14 6.03 1.22
C LYS C 21 -0.17 5.34 1.54
N GLN C 22 -1.01 6.02 2.30
CA GLN C 22 -2.35 5.50 2.53
C GLN C 22 -3.11 5.31 1.19
N ARG C 23 -3.01 6.29 0.29
CA ARG C 23 -3.68 6.21 -1.01
C ARG C 23 -3.23 5.00 -1.82
N GLN C 24 -1.92 4.80 -1.91
CA GLN C 24 -1.40 3.70 -2.68
C GLN C 24 -1.85 2.36 -2.07
N LEU C 25 -1.88 2.27 -0.75
CA LEU C 25 -2.31 1.03 -0.10
C LEU C 25 -3.81 0.84 -0.26
N ALA C 26 -4.57 1.93 -0.34
CA ALA C 26 -6.01 1.82 -0.54
C ALA C 26 -6.31 1.32 -1.95
N GLU C 27 -5.49 1.76 -2.89
CA GLU C 27 -5.54 1.27 -4.28
C GLU C 27 -5.29 -0.23 -4.30
N ALA C 28 -4.20 -0.63 -3.65
CA ALA C 28 -3.81 -2.04 -3.63
C ALA C 28 -4.89 -2.89 -2.95
N HIS C 29 -5.39 -2.45 -1.80
CA HIS C 29 -6.48 -3.18 -1.15
C HIS C 29 -7.73 -3.28 -2.00
N ALA C 30 -8.08 -2.18 -2.68
CA ALA C 30 -9.28 -2.22 -3.51
C ALA C 30 -9.13 -3.25 -4.62
N GLN C 31 -7.94 -3.31 -5.19
CA GLN C 31 -7.64 -4.26 -6.25
C GLN C 31 -7.78 -5.70 -5.74
N ALA C 32 -7.21 -5.97 -4.58
CA ALA C 32 -7.29 -7.33 -4.01
C ALA C 32 -8.72 -7.68 -3.68
N LYS C 33 -9.48 -6.70 -3.22
CA LYS C 33 -10.86 -6.91 -2.88
C LYS C 33 -11.62 -7.30 -4.14
N ALA C 34 -11.40 -6.58 -5.23
CA ALA C 34 -12.13 -6.85 -6.46
C ALA C 34 -11.72 -8.21 -7.00
N GLN C 35 -10.46 -8.58 -6.81
CA GLN C 35 -9.98 -9.88 -7.27
C GLN C 35 -10.63 -11.02 -6.49
N ALA C 36 -10.74 -10.86 -5.18
CA ALA C 36 -11.40 -11.84 -4.36
C ALA C 36 -12.85 -11.97 -4.83
N GLU C 37 -13.49 -10.85 -5.20
CA GLU C 37 -14.87 -10.89 -5.68
C GLU C 37 -14.99 -11.62 -7.02
N ARG C 38 -14.02 -11.41 -7.90
CA ARG C 38 -13.97 -12.10 -9.18
C ARG C 38 -13.79 -13.60 -9.02
N GLU C 39 -12.89 -13.98 -8.13
CA GLU C 39 -12.66 -15.38 -7.81
C GLU C 39 -13.92 -16.02 -7.22
N ALA C 40 -14.65 -15.27 -6.38
CA ALA C 40 -15.84 -15.84 -5.71
C ALA C 40 -16.93 -16.16 -6.71
N LYS C 41 -16.98 -15.44 -7.83
CA LYS C 41 -18.00 -15.73 -8.84
C LYS C 41 -17.81 -17.12 -9.49
N GLU C 42 -16.63 -17.69 -9.36
CA GLU C 42 -16.35 -19.01 -9.90
C GLU C 42 -16.77 -20.11 -8.93
N LEU C 43 -17.35 -19.74 -7.80
CA LEU C 43 -17.79 -20.72 -6.81
C LEU C 43 -19.16 -21.35 -7.08
N HIS D 3 -13.89 -36.00 -11.97
CA HIS D 3 -12.77 -35.26 -12.53
C HIS D 3 -12.83 -33.80 -12.12
N MET D 4 -13.94 -33.15 -12.45
CA MET D 4 -14.13 -31.73 -12.20
C MET D 4 -14.10 -31.38 -10.70
N ARG D 5 -14.09 -32.40 -9.85
CA ARG D 5 -13.84 -32.17 -8.43
C ARG D 5 -12.52 -31.43 -8.26
N ALA D 6 -11.63 -31.60 -9.23
CA ALA D 6 -10.34 -30.94 -9.22
C ALA D 6 -10.51 -29.44 -9.34
N GLU D 7 -11.41 -29.01 -10.21
CA GLU D 7 -11.65 -27.59 -10.40
C GLU D 7 -12.19 -26.99 -9.10
N GLU D 8 -13.12 -27.69 -8.46
CA GLU D 8 -13.68 -27.22 -7.17
C GLU D 8 -12.58 -26.83 -6.20
N ARG D 9 -11.65 -27.75 -5.97
CA ARG D 9 -10.61 -27.52 -4.97
C ARG D 9 -9.79 -26.29 -5.39
N GLU D 10 -9.52 -26.17 -6.69
CA GLU D 10 -8.77 -25.05 -7.24
C GLU D 10 -9.48 -23.72 -7.02
N ARG D 11 -10.77 -23.67 -7.30
CA ARG D 11 -11.53 -22.44 -7.15
C ARG D 11 -11.63 -22.05 -5.68
N LEU D 12 -11.76 -23.01 -4.78
CA LEU D 12 -11.79 -22.67 -3.35
C LEU D 12 -10.46 -22.06 -2.93
N ALA D 13 -9.38 -22.68 -3.39
CA ALA D 13 -8.06 -22.24 -2.98
C ALA D 13 -7.81 -20.83 -3.51
N GLU D 14 -8.27 -20.58 -4.73
CA GLU D 14 -8.12 -19.25 -5.33
C GLU D 14 -8.79 -18.19 -4.47
N VAL D 15 -10.00 -18.45 -4.01
CA VAL D 15 -10.67 -17.46 -3.18
C VAL D 15 -9.96 -17.24 -1.86
N GLU D 16 -9.62 -18.34 -1.17
CA GLU D 16 -8.89 -18.25 0.08
C GLU D 16 -7.59 -17.45 -0.06
N ALA D 17 -6.83 -17.72 -1.10
CA ALA D 17 -5.56 -16.98 -1.28
C ALA D 17 -5.81 -15.49 -1.49
N ALA D 18 -6.87 -15.17 -2.21
CA ALA D 18 -7.22 -13.79 -2.48
C ALA D 18 -7.71 -13.06 -1.23
N LEU D 19 -8.50 -13.75 -0.40
CA LEU D 19 -8.93 -13.20 0.89
C LEU D 19 -7.74 -12.88 1.81
N GLU D 20 -6.77 -13.78 1.82
CA GLU D 20 -5.59 -13.57 2.65
C GLU D 20 -4.86 -12.34 2.15
N LYS D 21 -4.63 -12.24 0.85
CA LYS D 21 -3.99 -11.05 0.31
C LYS D 21 -4.75 -9.78 0.69
N GLN D 22 -6.07 -9.80 0.56
CA GLN D 22 -6.90 -8.64 0.91
C GLN D 22 -6.74 -8.27 2.39
N ARG D 23 -6.73 -9.28 3.27
CA ARG D 23 -6.55 -9.10 4.69
C ARG D 23 -5.21 -8.46 4.99
N GLN D 24 -4.15 -8.97 4.39
CA GLN D 24 -2.83 -8.39 4.57
C GLN D 24 -2.76 -6.92 4.15
N LEU D 25 -3.35 -6.61 3.01
CA LEU D 25 -3.37 -5.23 2.54
C LEU D 25 -4.28 -4.35 3.43
N ALA D 26 -5.34 -4.93 3.95
CA ALA D 26 -6.20 -4.25 4.89
C ALA D 26 -5.42 -3.85 6.13
N GLU D 27 -4.57 -4.75 6.60
CA GLU D 27 -3.76 -4.46 7.79
C GLU D 27 -2.75 -3.35 7.52
N ALA D 28 -2.07 -3.41 6.38
CA ALA D 28 -1.08 -2.41 6.04
C ALA D 28 -1.72 -1.05 5.80
N HIS D 29 -2.87 -1.05 5.12
CA HIS D 29 -3.62 0.19 4.91
C HIS D 29 -4.04 0.83 6.24
N ALA D 30 -4.54 -0.01 7.15
CA ALA D 30 -4.98 0.48 8.46
C ALA D 30 -3.83 1.20 9.15
N GLN D 31 -2.62 0.64 9.05
CA GLN D 31 -1.43 1.20 9.70
C GLN D 31 -1.05 2.53 9.04
N ALA D 32 -1.14 2.57 7.72
CA ALA D 32 -0.80 3.77 6.97
C ALA D 32 -1.81 4.86 7.31
N LYS D 33 -3.06 4.48 7.47
CA LYS D 33 -4.11 5.44 7.78
C LYS D 33 -3.90 6.03 9.18
N ALA D 34 -3.51 5.19 10.14
CA ALA D 34 -3.28 5.66 11.50
C ALA D 34 -2.10 6.64 11.56
N GLN D 35 -1.04 6.33 10.81
CA GLN D 35 0.12 7.21 10.74
C GLN D 35 -0.28 8.55 10.15
N ALA D 36 -1.06 8.52 9.08
CA ALA D 36 -1.44 9.76 8.42
C ALA D 36 -2.29 10.61 9.36
N GLU D 37 -3.32 10.01 9.94
CA GLU D 37 -4.22 10.74 10.82
C GLU D 37 -3.47 11.41 11.97
N ARG D 38 -2.51 10.69 12.54
CA ARG D 38 -1.71 11.25 13.63
C ARG D 38 -0.88 12.45 13.17
N GLU D 39 -0.18 12.30 12.06
CA GLU D 39 0.67 13.38 11.55
C GLU D 39 -0.11 14.65 11.29
N ALA D 40 -1.32 14.49 10.74
CA ALA D 40 -2.20 15.63 10.53
C ALA D 40 -2.47 16.33 11.86
N LYS D 41 -2.86 15.54 12.86
CA LYS D 41 -3.24 16.08 14.17
C LYS D 41 -2.09 16.84 14.83
N GLU D 42 -0.88 16.28 14.73
CA GLU D 42 0.29 16.93 15.27
C GLU D 42 0.64 18.18 14.46
N LEU D 43 0.44 18.09 13.15
CA LEU D 43 0.79 19.17 12.24
C LEU D 43 -0.30 20.23 12.20
N ALA E 13 -5.59 12.49 -1.84
CA ALA E 13 -6.05 12.66 -3.20
C ALA E 13 -6.52 14.10 -3.43
N GLU E 14 -7.76 14.38 -3.04
CA GLU E 14 -8.28 15.75 -3.10
C GLU E 14 -7.65 16.56 -1.98
N VAL E 15 -7.34 15.89 -0.87
CA VAL E 15 -6.67 16.53 0.25
C VAL E 15 -5.20 16.80 -0.08
N GLU E 16 -4.56 15.84 -0.75
CA GLU E 16 -3.17 16.00 -1.17
C GLU E 16 -3.00 17.22 -2.09
N ALA E 17 -4.00 17.46 -2.94
CA ALA E 17 -3.97 18.62 -3.84
C ALA E 17 -4.28 19.91 -3.09
N ALA E 18 -5.14 19.81 -2.08
CA ALA E 18 -5.50 20.97 -1.27
C ALA E 18 -4.29 21.48 -0.49
N LEU E 19 -3.57 20.55 0.13
CA LEU E 19 -2.38 20.87 0.91
C LEU E 19 -1.24 21.38 0.02
N GLU E 20 -1.19 20.89 -1.22
CA GLU E 20 -0.16 21.29 -2.17
C GLU E 20 -0.37 22.74 -2.60
N LYS E 21 -1.64 23.12 -2.72
CA LYS E 21 -1.98 24.49 -3.09
C LYS E 21 -1.66 25.43 -1.93
N GLN E 22 -1.86 24.94 -0.71
CA GLN E 22 -1.49 25.71 0.48
C GLN E 22 0.01 25.90 0.51
N ARG E 23 0.75 24.80 0.42
CA ARG E 23 2.19 24.83 0.49
C ARG E 23 2.77 25.81 -0.54
N GLN E 24 2.19 25.79 -1.74
CA GLN E 24 2.65 26.67 -2.81
C GLN E 24 2.31 28.13 -2.53
N LEU E 25 1.16 28.36 -1.91
CA LEU E 25 0.72 29.73 -1.60
C LEU E 25 1.53 30.33 -0.45
N ALA E 26 1.94 29.49 0.49
CA ALA E 26 2.82 29.92 1.56
C ALA E 26 4.17 30.31 0.99
N GLU E 27 4.68 29.50 0.06
CA GLU E 27 5.93 29.80 -0.62
C GLU E 27 5.80 31.11 -1.38
N ALA E 28 4.61 31.36 -1.92
CA ALA E 28 4.35 32.60 -2.64
C ALA E 28 4.26 33.78 -1.65
N HIS E 29 3.67 33.52 -0.48
CA HIS E 29 3.57 34.54 0.55
C HIS E 29 4.95 34.96 1.04
N ALA E 30 5.84 33.99 1.21
CA ALA E 30 7.20 34.24 1.64
C ALA E 30 7.97 35.01 0.57
N GLN E 31 7.70 34.69 -0.69
CA GLN E 31 8.31 35.41 -1.80
C GLN E 31 7.88 36.86 -1.77
N ALA E 32 6.57 37.09 -1.83
CA ALA E 32 6.02 38.44 -1.82
C ALA E 32 6.52 39.22 -0.62
N LYS E 33 6.44 38.61 0.56
CA LYS E 33 6.84 39.25 1.80
C LYS E 33 8.30 39.69 1.74
N ALA E 34 9.14 38.84 1.15
CA ALA E 34 10.57 39.15 1.06
C ALA E 34 10.85 40.30 0.10
N GLN E 35 10.10 40.38 -0.98
CA GLN E 35 10.35 41.41 -1.99
C GLN E 35 9.81 42.76 -1.54
N ALA E 36 8.71 42.75 -0.80
CA ALA E 36 8.17 43.99 -0.25
C ALA E 36 9.18 44.59 0.71
N GLU E 37 9.77 43.72 1.53
CA GLU E 37 10.79 44.13 2.48
C GLU E 37 11.99 44.72 1.74
N ARG E 38 12.30 44.16 0.58
CA ARG E 38 13.45 44.62 -0.20
C ARG E 38 13.14 45.95 -0.88
N GLU E 39 11.95 46.07 -1.45
CA GLU E 39 11.55 47.31 -2.11
C GLU E 39 11.35 48.41 -1.08
N ALA E 40 10.93 48.03 0.12
CA ALA E 40 10.74 49.01 1.19
C ALA E 40 12.08 49.60 1.60
N LYS E 41 13.09 48.74 1.69
CA LYS E 41 14.44 49.19 1.99
C LYS E 41 14.94 50.14 0.90
N GLU E 42 14.55 49.85 -0.34
CA GLU E 42 14.94 50.68 -1.47
C GLU E 42 14.32 52.07 -1.36
N LEU E 43 13.13 52.16 -0.77
CA LEU E 43 12.45 53.43 -0.58
C LEU E 43 13.29 54.37 0.28
N ARG F 11 8.27 54.89 -7.08
CA ARG F 11 8.91 54.04 -6.08
C ARG F 11 7.98 53.82 -4.89
N LEU F 12 7.41 54.89 -4.37
CA LEU F 12 6.51 54.80 -3.23
C LEU F 12 5.27 53.99 -3.59
N ALA F 13 4.76 54.18 -4.80
CA ALA F 13 3.59 53.45 -5.26
C ALA F 13 3.89 51.96 -5.38
N GLU F 14 5.11 51.64 -5.78
CA GLU F 14 5.53 50.25 -5.93
C GLU F 14 5.50 49.53 -4.58
N VAL F 15 5.88 50.24 -3.53
CA VAL F 15 5.93 49.67 -2.20
C VAL F 15 4.51 49.40 -1.67
N GLU F 16 3.60 50.34 -1.89
CA GLU F 16 2.25 50.25 -1.33
C GLU F 16 1.53 48.98 -1.78
N ALA F 17 1.57 48.70 -3.08
CA ALA F 17 0.87 47.54 -3.63
C ALA F 17 1.43 46.25 -3.04
N ALA F 18 2.74 46.20 -2.85
CA ALA F 18 3.39 45.02 -2.31
C ALA F 18 2.88 44.75 -0.89
N LEU F 19 2.72 45.81 -0.11
CA LEU F 19 2.19 45.69 1.23
C LEU F 19 0.82 45.02 1.19
N GLU F 20 0.00 45.43 0.23
CA GLU F 20 -1.33 44.88 0.07
C GLU F 20 -1.25 43.42 -0.38
N LYS F 21 -0.30 43.13 -1.28
CA LYS F 21 -0.18 41.80 -1.83
C LYS F 21 0.20 40.80 -0.74
N GLN F 22 1.23 41.12 0.03
CA GLN F 22 1.60 40.32 1.17
C GLN F 22 0.44 40.26 2.16
N ARG F 23 -0.43 41.25 2.10
CA ARG F 23 -1.68 41.24 2.88
C ARG F 23 -2.73 40.34 2.24
N GLN F 24 -2.72 40.26 0.91
CA GLN F 24 -3.62 39.35 0.20
C GLN F 24 -3.34 37.93 0.64
N LEU F 25 -2.06 37.60 0.74
CA LEU F 25 -1.64 36.24 1.05
C LEU F 25 -1.74 35.94 2.54
N ALA F 26 -1.77 36.97 3.37
CA ALA F 26 -1.98 36.78 4.80
C ALA F 26 -3.40 36.27 5.06
N GLU F 27 -4.37 36.92 4.43
CA GLU F 27 -5.78 36.57 4.60
C GLU F 27 -6.08 35.19 4.01
N ALA F 28 -5.58 34.95 2.80
CA ALA F 28 -5.83 33.69 2.11
C ALA F 28 -5.22 32.51 2.86
N HIS F 29 -3.99 32.70 3.34
CA HIS F 29 -3.27 31.65 4.03
C HIS F 29 -4.00 31.21 5.29
N ALA F 30 -4.41 32.19 6.11
CA ALA F 30 -5.07 31.89 7.37
C ALA F 30 -6.37 31.12 7.16
N GLN F 31 -7.21 31.62 6.24
CA GLN F 31 -8.47 30.96 5.94
C GLN F 31 -8.26 29.53 5.47
N ALA F 32 -7.24 29.32 4.63
CA ALA F 32 -6.94 28.00 4.10
C ALA F 32 -6.38 27.08 5.18
N LYS F 33 -5.52 27.62 6.04
CA LYS F 33 -4.97 26.87 7.16
C LYS F 33 -6.07 26.35 8.07
N ALA F 34 -7.03 27.22 8.38
CA ALA F 34 -8.15 26.84 9.23
C ALA F 34 -8.92 25.68 8.62
N GLN F 35 -9.06 25.71 7.29
CA GLN F 35 -9.77 24.67 6.57
C GLN F 35 -9.04 23.33 6.70
N ALA F 36 -7.71 23.38 6.79
CA ALA F 36 -6.91 22.18 6.86
C ALA F 36 -7.16 21.43 8.17
N GLU F 37 -6.88 22.09 9.29
CA GLU F 37 -7.06 21.48 10.60
C GLU F 37 -8.45 20.86 10.72
N ARG F 38 -9.46 21.60 10.29
CA ARG F 38 -10.82 21.10 10.29
C ARG F 38 -10.94 19.87 9.40
N GLU F 39 -10.23 19.91 8.27
CA GLU F 39 -10.31 18.83 7.28
C GLU F 39 -9.82 17.51 7.86
N ALA F 40 -8.84 17.56 8.75
CA ALA F 40 -8.30 16.36 9.38
C ALA F 40 -9.41 15.61 10.10
#